data_3HY6
#
_entry.id   3HY6
#
_cell.length_a   48.511
_cell.length_b   145.221
_cell.length_c   59.655
_cell.angle_alpha   90.00
_cell.angle_beta   90.00
_cell.angle_gamma   90.00
#
_symmetry.space_group_name_H-M   'C 2 2 21'
#
loop_
_entity.id
_entity.type
_entity.pdbx_description
1 polymer '5-formyltetrahydrofolate cyclo-ligase'
2 non-polymer 'NICKEL (II) ION'
3 non-polymer 'MAGNESIUM ION'
4 non-polymer 'PHOSPHATE ION'
5 non-polymer "ADENOSINE-5'-DIPHOSPHATE"
6 water water
#
_entity_poly.entity_id   1
_entity_poly.type   'polypeptide(L)'
_entity_poly.pdbx_seq_one_letter_code
;MAAAAVSSAKRSLRGELKQRLRAMSAEERLRQSRVLSQKVIAHSEYQKSKRISIFLSMQDEIETEEIIKDIFQRGKICFI
PRYRFQSNHMDMVRIESPEEISLLPKTSWNIPQPGEGDVREEALSTGGLDLIFMPGLGFDKHGNRLGRGKGYYDAYLKRC
LQHQEVKPYTLALAFKEQICLQVPVNENDMKVDEVLYEDSSTA
;
_entity_poly.pdbx_strand_id   A
#
# COMPACT_ATOMS: atom_id res chain seq x y z
N MET A 1 -8.16 -13.21 25.62
CA MET A 1 -9.23 -12.23 25.75
C MET A 1 -8.76 -10.82 25.38
N ALA A 2 -7.51 -10.51 25.71
CA ALA A 2 -6.90 -9.25 25.31
C ALA A 2 -6.65 -9.20 23.80
N ALA A 3 -6.26 -10.34 23.23
CA ALA A 3 -6.14 -10.53 21.77
C ALA A 3 -7.46 -10.24 21.08
N ALA A 4 -8.52 -10.88 21.56
CA ALA A 4 -9.87 -10.69 21.00
C ALA A 4 -10.34 -9.24 21.14
N ALA A 5 -10.04 -8.60 22.27
CA ALA A 5 -10.50 -7.24 22.52
C ALA A 5 -9.84 -6.26 21.53
N VAL A 6 -8.59 -6.56 21.18
CA VAL A 6 -7.87 -5.84 20.09
C VAL A 6 -8.55 -6.05 18.72
N SER A 7 -8.85 -7.30 18.38
CA SER A 7 -9.51 -7.60 17.09
C SER A 7 -10.84 -6.91 16.98
N SER A 8 -11.56 -6.83 18.09
CA SER A 8 -12.89 -6.21 18.13
C SER A 8 -12.82 -4.70 17.84
N ALA A 9 -11.87 -4.03 18.50
CA ALA A 9 -11.59 -2.60 18.25
C ALA A 9 -11.17 -2.35 16.82
N LYS A 10 -10.35 -3.23 16.26
CA LYS A 10 -9.87 -3.09 14.88
C LYS A 10 -11.04 -3.23 13.93
N ARG A 11 -11.87 -4.26 14.18
CA ARG A 11 -13.07 -4.52 13.39
C ARG A 11 -14.06 -3.34 13.45
N SER A 12 -14.28 -2.79 14.64
CA SER A 12 -15.19 -1.63 14.82
C SER A 12 -14.68 -0.41 14.09
N LEU A 13 -13.37 -0.21 14.16
CA LEU A 13 -12.77 0.93 13.47
C LEU A 13 -12.82 0.76 11.95
N ARG A 14 -12.60 -0.45 11.45
CA ARG A 14 -12.73 -0.71 10.01
C ARG A 14 -14.10 -0.33 9.44
N GLY A 15 -15.14 -0.72 10.17
CA GLY A 15 -16.53 -0.43 9.77
C GLY A 15 -16.79 1.06 9.75
N GLU A 16 -16.31 1.73 10.79
CA GLU A 16 -16.38 3.19 10.92
C GLU A 16 -15.58 3.89 9.81
N LEU A 17 -14.36 3.41 9.55
CA LEU A 17 -13.55 3.94 8.47
C LEU A 17 -14.18 3.68 7.11
N LYS A 18 -14.72 2.47 6.88
CA LYS A 18 -15.34 2.16 5.57
C LYS A 18 -16.60 3.00 5.26
N GLN A 19 -17.37 3.33 6.29
CA GLN A 19 -18.56 4.17 6.13
C GLN A 19 -18.15 5.55 5.61
N ARG A 20 -17.16 6.15 6.27
CA ARG A 20 -16.57 7.45 5.86
C ARG A 20 -16.07 7.44 4.42
N LEU A 21 -15.38 6.37 4.05
CA LEU A 21 -14.82 6.22 2.72
C LEU A 21 -15.90 6.03 1.66
N ARG A 22 -16.87 5.16 1.93
CA ARG A 22 -18.04 5.01 1.06
C ARG A 22 -18.80 6.33 0.83
N ALA A 23 -18.78 7.21 1.83
CA ALA A 23 -19.54 8.48 1.81
C ALA A 23 -18.83 9.63 1.09
N MET A 24 -17.64 9.36 0.58
CA MET A 24 -16.84 10.35 -0.15
C MET A 24 -17.27 10.40 -1.60
N SER A 25 -17.34 11.59 -2.18
CA SER A 25 -17.61 11.71 -3.61
C SER A 25 -16.43 11.22 -4.46
N ALA A 26 -16.72 10.75 -5.66
CA ALA A 26 -15.68 10.29 -6.57
C ALA A 26 -14.69 11.40 -6.94
N GLU A 27 -15.19 12.64 -6.99
CA GLU A 27 -14.38 13.80 -7.40
C GLU A 27 -13.54 14.37 -6.24
N GLU A 28 -14.00 14.13 -5.01
CA GLU A 28 -13.21 14.44 -3.83
C GLU A 28 -12.07 13.46 -3.62
N ARG A 29 -12.29 12.19 -3.94
CA ARG A 29 -11.24 11.18 -3.92
C ARG A 29 -10.14 11.55 -4.90
N LEU A 30 -10.54 11.90 -6.12
CA LEU A 30 -9.62 12.33 -7.17
C LEU A 30 -8.83 13.59 -6.80
N ARG A 31 -9.44 14.46 -5.99
CA ARG A 31 -8.84 15.71 -5.55
C ARG A 31 -7.69 15.53 -4.54
N GLN A 32 -7.95 14.79 -3.45
CA GLN A 32 -6.92 14.49 -2.46
C GLN A 32 -5.83 13.63 -3.08
N SER A 33 -6.21 12.86 -4.11
CA SER A 33 -5.28 11.97 -4.80
C SER A 33 -4.28 12.81 -5.58
N ARG A 34 -4.77 13.86 -6.22
CA ARG A 34 -3.94 14.83 -6.91
C ARG A 34 -3.04 15.61 -5.95
N VAL A 35 -3.53 15.94 -4.78
CA VAL A 35 -2.73 16.61 -3.74
C VAL A 35 -1.61 15.70 -3.21
N LEU A 36 -1.91 14.43 -2.98
CA LEU A 36 -0.90 13.47 -2.56
C LEU A 36 0.11 13.14 -3.66
N SER A 37 -0.35 13.00 -4.89
CA SER A 37 0.54 12.78 -6.02
C SER A 37 1.65 13.84 -6.07
N GLN A 38 1.26 15.10 -6.04
CA GLN A 38 2.19 16.23 -6.07
C GLN A 38 3.13 16.22 -4.85
N LYS A 39 2.58 15.89 -3.67
CA LYS A 39 3.38 15.71 -2.46
C LYS A 39 4.39 14.56 -2.56
N VAL A 40 4.01 13.47 -3.25
CA VAL A 40 4.90 12.32 -3.41
C VAL A 40 6.04 12.67 -4.38
N ILE A 41 5.69 13.36 -5.47
CA ILE A 41 6.67 13.68 -6.50
C ILE A 41 7.76 14.63 -5.93
N ALA A 42 7.36 15.45 -4.96
CA ALA A 42 8.25 16.39 -4.27
C ALA A 42 9.04 15.73 -3.15
N HIS A 43 8.67 14.49 -2.82
CA HIS A 43 9.16 13.85 -1.60
C HIS A 43 10.60 13.36 -1.82
N SER A 44 11.50 13.66 -0.88
CA SER A 44 12.93 13.35 -1.03
C SER A 44 13.25 11.85 -1.04
N GLU A 45 12.52 11.06 -0.23
CA GLU A 45 12.72 9.60 -0.24
C GLU A 45 12.21 8.97 -1.53
N TYR A 46 11.15 9.52 -2.10
CA TYR A 46 10.68 9.07 -3.41
C TYR A 46 11.68 9.41 -4.53
N GLN A 47 12.14 10.66 -4.56
CA GLN A 47 13.09 11.06 -5.62
C GLN A 47 14.40 10.26 -5.60
N LYS A 48 14.85 9.88 -4.41
CA LYS A 48 16.09 9.10 -4.25
C LYS A 48 15.92 7.61 -4.48
N SER A 49 14.70 7.09 -4.31
CA SER A 49 14.46 5.65 -4.41
C SER A 49 14.53 5.16 -5.84
N LYS A 50 15.19 4.03 -6.03
CA LYS A 50 15.38 3.42 -7.34
C LYS A 50 14.45 2.23 -7.59
N ARG A 51 14.15 1.47 -6.51
CA ARG A 51 13.31 0.27 -6.59
C ARG A 51 12.07 0.45 -5.72
N ILE A 52 10.92 0.43 -6.35
CA ILE A 52 9.71 0.83 -5.67
C ILE A 52 8.58 -0.20 -5.72
N SER A 53 7.90 -0.34 -4.58
CA SER A 53 6.63 -1.07 -4.53
C SER A 53 5.45 -0.10 -4.35
N ILE A 54 4.50 -0.14 -5.28
CA ILE A 54 3.26 0.63 -5.19
C ILE A 54 2.02 -0.26 -5.44
N PHE A 55 0.92 0.05 -4.77
CA PHE A 55 -0.35 -0.64 -4.96
C PHE A 55 -1.19 -0.02 -6.05
N LEU A 56 -2.04 -0.86 -6.65
CA LEU A 56 -3.05 -0.44 -7.64
C LEU A 56 -4.37 -0.19 -6.90
N SER A 57 -4.92 1.01 -7.07
CA SER A 57 -5.92 1.56 -6.16
C SER A 57 -7.30 0.92 -6.28
N MET A 58 -7.87 0.56 -5.11
CA MET A 58 -9.29 0.22 -5.01
C MET A 58 -10.10 1.51 -4.87
N GLN A 59 -11.43 1.39 -4.92
CA GLN A 59 -12.29 2.57 -5.03
C GLN A 59 -12.26 3.41 -3.77
N ASP A 60 -11.87 2.79 -2.66
CA ASP A 60 -11.80 3.50 -1.38
C ASP A 60 -10.37 3.89 -0.98
N GLU A 61 -9.45 3.92 -1.96
CA GLU A 61 -8.04 4.23 -1.74
C GLU A 61 -7.56 5.42 -2.56
N ILE A 62 -6.63 6.18 -2.00
CA ILE A 62 -5.89 7.19 -2.76
C ILE A 62 -5.54 6.59 -4.12
N GLU A 63 -5.85 7.31 -5.20
CA GLU A 63 -5.52 6.84 -6.56
C GLU A 63 -4.03 7.04 -6.87
N THR A 64 -3.34 5.96 -7.26
CA THR A 64 -1.90 5.97 -7.46
C THR A 64 -1.47 6.12 -8.94
N GLU A 65 -2.44 6.21 -9.85
CA GLU A 65 -2.19 6.24 -11.28
C GLU A 65 -1.14 7.27 -11.72
N GLU A 66 -1.25 8.49 -11.23
CA GLU A 66 -0.33 9.55 -11.63
C GLU A 66 1.06 9.30 -11.05
N ILE A 67 1.14 8.73 -9.84
CA ILE A 67 2.42 8.28 -9.27
C ILE A 67 3.10 7.21 -10.15
N ILE A 68 2.35 6.18 -10.52
CA ILE A 68 2.85 5.12 -11.38
C ILE A 68 3.45 5.66 -12.67
N LYS A 69 2.77 6.62 -13.30
CA LYS A 69 3.29 7.26 -14.52
C LYS A 69 4.63 7.96 -14.24
N ASP A 70 4.69 8.71 -13.15
CA ASP A 70 5.91 9.41 -12.76
C ASP A 70 7.05 8.43 -12.50
N ILE A 71 6.75 7.35 -11.79
CA ILE A 71 7.69 6.27 -11.51
C ILE A 71 8.43 5.82 -12.77
N PHE A 72 7.68 5.56 -13.84
CA PHE A 72 8.28 5.02 -15.07
C PHE A 72 9.00 6.11 -15.89
N GLN A 73 8.54 7.36 -15.74
CA GLN A 73 9.15 8.51 -16.41
C GLN A 73 10.53 8.80 -15.85
N ARG A 74 10.71 8.45 -14.58
CA ARG A 74 11.97 8.62 -13.89
C ARG A 74 12.85 7.36 -13.87
N GLY A 75 12.48 6.38 -14.69
CA GLY A 75 13.23 5.11 -14.81
C GLY A 75 13.40 4.34 -13.51
N LYS A 76 12.37 4.38 -12.65
CA LYS A 76 12.43 3.63 -11.40
C LYS A 76 11.95 2.21 -11.67
N ILE A 77 12.45 1.25 -10.90
CA ILE A 77 12.03 -0.13 -11.08
C ILE A 77 10.74 -0.31 -10.27
N CYS A 78 9.65 -0.66 -10.96
CA CYS A 78 8.33 -0.72 -10.33
C CYS A 78 7.86 -2.14 -10.05
N PHE A 79 7.45 -2.38 -8.80
CA PHE A 79 6.87 -3.65 -8.36
C PHE A 79 5.47 -3.44 -7.80
N ILE A 80 4.57 -4.37 -8.09
CA ILE A 80 3.21 -4.33 -7.58
C ILE A 80 2.86 -5.60 -6.81
N PRO A 81 1.87 -5.52 -5.90
CA PRO A 81 1.41 -6.69 -5.16
C PRO A 81 0.86 -7.80 -6.06
N ARG A 82 1.22 -9.03 -5.74
CA ARG A 82 0.53 -10.20 -6.26
C ARG A 82 0.11 -11.06 -5.05
N TYR A 83 -1.18 -11.04 -4.72
CA TYR A 83 -1.72 -11.74 -3.54
C TYR A 83 -2.03 -13.21 -3.83
N ARG A 84 -1.71 -14.07 -2.86
CA ARG A 84 -2.03 -15.50 -2.92
C ARG A 84 -3.19 -15.69 -1.97
N PHE A 85 -4.40 -15.68 -2.52
CA PHE A 85 -5.62 -15.54 -1.70
C PHE A 85 -5.87 -16.65 -0.66
N GLN A 86 -5.21 -17.80 -0.84
CA GLN A 86 -5.27 -18.87 0.16
C GLN A 86 -4.86 -18.36 1.55
N SER A 87 -3.72 -17.66 1.63
CA SER A 87 -3.14 -17.23 2.91
C SER A 87 -2.96 -15.71 3.05
N ASN A 88 -2.17 -15.29 4.03
CA ASN A 88 -1.72 -13.91 4.16
C ASN A 88 -0.38 -13.71 3.41
N HIS A 89 -0.26 -14.35 2.23
CA HIS A 89 0.95 -14.25 1.41
C HIS A 89 0.84 -13.33 0.17
N MET A 90 1.83 -12.46 0.03
CA MET A 90 1.95 -11.62 -1.14
C MET A 90 3.43 -11.49 -1.52
N ASP A 91 3.70 -11.33 -2.83
CA ASP A 91 4.99 -10.90 -3.31
C ASP A 91 4.81 -9.58 -4.00
N MET A 92 5.94 -8.94 -4.31
CA MET A 92 5.93 -7.75 -5.14
C MET A 92 6.57 -8.11 -6.44
N VAL A 93 5.82 -7.97 -7.51
CA VAL A 93 6.21 -8.46 -8.83
C VAL A 93 6.44 -7.30 -9.81
N ARG A 94 7.48 -7.42 -10.63
CA ARG A 94 7.87 -6.32 -11.53
C ARG A 94 6.93 -6.12 -12.73
N ILE A 95 6.47 -4.89 -12.93
CA ILE A 95 5.77 -4.49 -14.16
C ILE A 95 6.68 -3.54 -14.97
N GLU A 96 6.53 -3.52 -16.29
CA GLU A 96 7.49 -2.78 -17.14
C GLU A 96 6.95 -1.51 -17.76
N SER A 97 5.67 -1.21 -17.55
CA SER A 97 5.05 0.03 -18.05
C SER A 97 3.67 0.23 -17.40
N PRO A 98 3.16 1.48 -17.41
CA PRO A 98 1.82 1.75 -16.90
C PRO A 98 0.76 1.05 -17.75
N GLU A 99 1.07 0.86 -19.03
CA GLU A 99 0.12 0.32 -19.99
C GLU A 99 -0.06 -1.19 -19.86
N GLU A 100 0.94 -1.87 -19.30
CA GLU A 100 0.86 -3.31 -19.08
C GLU A 100 -0.25 -3.64 -18.08
N ILE A 101 -0.45 -2.74 -17.12
CA ILE A 101 -1.47 -2.86 -16.10
C ILE A 101 -2.85 -3.07 -16.72
N SER A 102 -3.08 -2.44 -17.86
CA SER A 102 -4.39 -2.48 -18.51
C SER A 102 -4.74 -3.84 -19.10
N LEU A 103 -3.73 -4.69 -19.35
CA LEU A 103 -3.95 -6.00 -19.96
C LEU A 103 -3.96 -7.16 -18.96
N LEU A 104 -3.50 -6.90 -17.75
CA LEU A 104 -3.44 -7.91 -16.70
C LEU A 104 -4.83 -8.42 -16.32
N PRO A 105 -4.89 -9.69 -15.90
CA PRO A 105 -6.14 -10.25 -15.37
C PRO A 105 -6.42 -9.64 -14.01
N LYS A 106 -7.66 -9.72 -13.55
CA LYS A 106 -8.03 -9.15 -12.28
C LYS A 106 -8.45 -10.21 -11.28
N THR A 107 -8.28 -9.87 -10.01
CA THR A 107 -8.71 -10.72 -8.91
C THR A 107 -10.19 -10.46 -8.56
N SER A 108 -10.69 -11.12 -7.52
CA SER A 108 -12.06 -10.96 -7.06
C SER A 108 -12.28 -9.58 -6.43
N TRP A 109 -11.20 -8.83 -6.21
CA TRP A 109 -11.29 -7.47 -5.70
C TRP A 109 -11.28 -6.47 -6.86
N ASN A 110 -11.31 -7.01 -8.09
CA ASN A 110 -11.23 -6.19 -9.29
C ASN A 110 -9.96 -5.35 -9.41
N ILE A 111 -8.85 -5.92 -8.95
CA ILE A 111 -7.56 -5.27 -9.00
C ILE A 111 -6.65 -6.13 -9.87
N PRO A 112 -5.92 -5.49 -10.80
CA PRO A 112 -4.99 -6.16 -11.67
C PRO A 112 -3.81 -6.80 -10.92
N GLN A 113 -3.40 -7.96 -11.38
CA GLN A 113 -2.19 -8.61 -10.91
C GLN A 113 -1.86 -9.71 -11.88
N PRO A 114 -0.55 -9.95 -12.13
CA PRO A 114 -0.16 -11.00 -13.07
C PRO A 114 -0.79 -12.35 -12.68
N GLY A 115 -1.22 -13.11 -13.67
CA GLY A 115 -1.86 -14.41 -13.44
C GLY A 115 -0.93 -15.48 -12.91
N GLU A 116 -1.50 -16.62 -12.55
CA GLU A 116 -0.78 -17.72 -11.92
C GLU A 116 0.40 -18.27 -12.72
N GLY A 117 0.26 -18.40 -14.03
CA GLY A 117 1.37 -18.90 -14.84
C GLY A 117 2.34 -17.85 -15.38
N ASP A 118 2.12 -16.58 -15.03
CA ASP A 118 2.90 -15.47 -15.55
C ASP A 118 4.14 -15.32 -14.65
N VAL A 119 5.29 -15.81 -15.12
CA VAL A 119 6.52 -15.85 -14.32
C VAL A 119 7.12 -14.46 -14.18
N ARG A 120 7.16 -13.96 -12.95
CA ARG A 120 7.59 -12.60 -12.69
C ARG A 120 8.82 -12.51 -11.81
N GLU A 121 9.60 -11.45 -12.04
CA GLU A 121 10.68 -11.04 -11.16
C GLU A 121 10.07 -10.52 -9.87
N GLU A 122 10.46 -11.12 -8.75
CA GLU A 122 9.99 -10.70 -7.44
C GLU A 122 11.00 -9.76 -6.79
N ALA A 123 10.52 -8.68 -6.20
CA ALA A 123 11.40 -7.67 -5.61
C ALA A 123 12.52 -8.23 -4.72
N LEU A 124 12.17 -9.22 -3.88
CA LEU A 124 13.09 -9.75 -2.89
C LEU A 124 14.08 -10.77 -3.47
N SER A 125 13.93 -11.09 -4.75
CA SER A 125 14.89 -11.99 -5.39
C SER A 125 15.94 -11.25 -6.23
N THR A 126 15.76 -9.93 -6.36
CA THR A 126 16.59 -9.07 -7.20
C THR A 126 17.10 -7.85 -6.45
N GLY A 127 17.10 -7.89 -5.13
CA GLY A 127 17.71 -6.84 -4.34
C GLY A 127 16.84 -6.08 -3.36
N GLY A 128 15.57 -6.47 -3.24
CA GLY A 128 14.65 -5.83 -2.31
C GLY A 128 14.10 -4.50 -2.80
N LEU A 129 13.63 -3.68 -1.87
CA LEU A 129 12.97 -2.41 -2.17
C LEU A 129 13.53 -1.22 -1.39
N ASP A 130 13.63 -0.07 -2.04
CA ASP A 130 14.02 1.18 -1.39
C ASP A 130 12.82 1.83 -0.69
N LEU A 131 11.67 1.76 -1.36
CA LEU A 131 10.47 2.45 -0.91
C LEU A 131 9.21 1.63 -1.15
N ILE A 132 8.36 1.54 -0.13
CA ILE A 132 7.08 0.88 -0.27
C ILE A 132 5.95 1.86 0.06
N PHE A 133 5.12 2.18 -0.93
CA PHE A 133 3.85 2.84 -0.67
C PHE A 133 2.86 1.88 0.00
N MET A 134 2.36 2.30 1.17
CA MET A 134 1.52 1.46 2.02
C MET A 134 0.06 1.88 1.91
N PRO A 135 -0.81 0.97 1.46
CA PRO A 135 -2.24 1.24 1.55
C PRO A 135 -2.75 0.84 2.94
N GLY A 136 -4.03 1.12 3.22
CA GLY A 136 -4.63 0.73 4.48
C GLY A 136 -5.95 1.44 4.64
N LEU A 137 -6.74 0.95 5.58
CA LEU A 137 -8.02 1.58 5.89
C LEU A 137 -7.84 2.79 6.79
N GLY A 138 -6.93 2.68 7.76
CA GLY A 138 -6.64 3.81 8.64
C GLY A 138 -5.22 3.89 9.17
N PHE A 139 -4.80 5.12 9.49
CA PHE A 139 -3.49 5.36 10.05
C PHE A 139 -3.64 6.43 11.11
N ASP A 140 -2.81 6.34 12.15
CA ASP A 140 -2.68 7.44 13.09
C ASP A 140 -1.36 8.21 12.84
N LYS A 141 -1.13 9.29 13.58
CA LYS A 141 0.04 10.14 13.34
C LYS A 141 1.31 9.59 13.98
N HIS A 142 1.17 8.43 14.64
CA HIS A 142 2.29 7.66 15.15
C HIS A 142 2.81 6.63 14.14
N GLY A 143 2.18 6.55 12.97
CA GLY A 143 2.55 5.55 11.99
C GLY A 143 1.91 4.18 12.17
N ASN A 144 1.05 4.02 13.17
CA ASN A 144 0.27 2.77 13.26
C ASN A 144 -0.67 2.65 12.09
N ARG A 145 -0.82 1.42 11.56
CA ARG A 145 -1.64 1.17 10.38
C ARG A 145 -2.75 0.17 10.67
N LEU A 146 -3.92 0.44 10.08
CA LEU A 146 -5.03 -0.50 10.13
C LEU A 146 -5.27 -0.99 8.72
N GLY A 147 -4.97 -2.26 8.47
CA GLY A 147 -5.24 -2.89 7.18
C GLY A 147 -6.65 -3.44 7.04
N ARG A 148 -6.86 -4.35 6.10
CA ARG A 148 -8.21 -4.91 5.82
C ARG A 148 -8.52 -6.17 6.63
N GLY A 149 -7.56 -6.65 7.40
CA GLY A 149 -7.80 -7.79 8.25
C GLY A 149 -6.94 -8.99 7.92
N LYS A 150 -6.27 -8.98 6.79
CA LYS A 150 -5.53 -10.17 6.37
C LYS A 150 -4.08 -10.17 6.83
N GLY A 151 -3.56 -8.98 7.15
CA GLY A 151 -2.17 -8.83 7.57
C GLY A 151 -1.10 -9.13 6.51
N TYR A 152 -1.47 -9.00 5.24
CA TYR A 152 -0.55 -9.18 4.11
C TYR A 152 0.67 -8.26 4.20
N TYR A 153 0.41 -6.97 4.38
CA TYR A 153 1.48 -5.97 4.47
C TYR A 153 2.35 -6.05 5.72
N ASP A 154 1.76 -6.33 6.89
CA ASP A 154 2.55 -6.64 8.08
C ASP A 154 3.51 -7.81 7.78
N ALA A 155 2.99 -8.93 7.25
CA ALA A 155 3.83 -10.11 6.95
C ALA A 155 4.92 -9.81 5.93
N TYR A 156 4.57 -9.09 4.86
CA TYR A 156 5.54 -8.75 3.83
C TYR A 156 6.66 -7.86 4.38
N LEU A 157 6.31 -6.83 5.14
CA LEU A 157 7.31 -5.98 5.82
C LEU A 157 8.31 -6.73 6.68
N LYS A 158 7.84 -7.73 7.41
CA LYS A 158 8.75 -8.61 8.16
C LYS A 158 9.71 -9.36 7.26
N ARG A 159 9.21 -9.86 6.12
CA ARG A 159 10.04 -10.52 5.10
C ARG A 159 11.16 -9.63 4.54
N CYS A 160 10.86 -8.35 4.33
CA CYS A 160 11.87 -7.39 3.87
C CYS A 160 12.98 -7.22 4.88
N LEU A 161 12.66 -7.36 6.15
CA LEU A 161 13.68 -7.50 7.20
C LEU A 161 14.22 -8.94 7.19
N GLN A 162 14.62 -9.36 5.99
CA GLN A 162 15.50 -10.47 5.68
C GLN A 162 15.84 -9.93 4.31
N HIS A 163 16.96 -10.35 3.71
CA HIS A 163 17.35 -9.81 2.40
C HIS A 163 17.95 -8.45 2.40
N GLN A 164 17.35 -7.55 3.17
CA GLN A 164 17.78 -6.18 3.11
C GLN A 164 18.61 -5.83 4.33
N GLU A 165 19.83 -5.34 4.07
CA GLU A 165 20.68 -4.73 5.07
C GLU A 165 19.97 -3.51 5.59
N VAL A 166 19.55 -2.64 4.68
CA VAL A 166 18.78 -1.46 5.04
C VAL A 166 17.31 -1.63 4.67
N LYS A 167 16.44 -1.52 5.67
CA LYS A 167 15.00 -1.75 5.47
C LYS A 167 14.40 -0.71 4.49
N PRO A 168 13.25 -1.05 3.88
CA PRO A 168 12.63 -0.09 2.94
C PRO A 168 12.06 1.10 3.69
N TYR A 169 11.99 2.25 3.03
CA TYR A 169 11.20 3.33 3.58
C TYR A 169 9.71 3.08 3.28
N THR A 170 8.86 3.24 4.28
CA THR A 170 7.42 2.93 4.11
C THR A 170 6.58 4.19 4.18
N LEU A 171 5.95 4.49 3.05
CA LEU A 171 5.20 5.71 2.88
C LEU A 171 3.72 5.40 2.62
N ALA A 172 2.88 5.69 3.62
CA ALA A 172 1.43 5.49 3.48
C ALA A 172 0.77 6.70 2.82
N LEU A 173 -0.21 6.44 1.95
CA LEU A 173 -1.00 7.48 1.31
C LEU A 173 -2.44 7.40 1.82
N ALA A 174 -2.87 8.46 2.49
CA ALA A 174 -4.11 8.44 3.22
C ALA A 174 -5.02 9.64 2.89
N PHE A 175 -6.31 9.36 2.70
CA PHE A 175 -7.31 10.42 2.72
C PHE A 175 -7.27 11.07 4.10
N LYS A 176 -7.62 12.35 4.17
CA LYS A 176 -7.74 13.04 5.45
C LYS A 176 -8.71 12.26 6.33
N GLU A 177 -9.74 11.71 5.69
CA GLU A 177 -10.75 10.86 6.33
C GLU A 177 -10.22 9.59 6.99
N GLN A 178 -9.08 9.08 6.56
CA GLN A 178 -8.51 7.85 7.13
C GLN A 178 -7.60 8.08 8.32
N ILE A 179 -7.38 9.34 8.67
CA ILE A 179 -6.47 9.69 9.74
C ILE A 179 -7.21 9.57 11.07
N CYS A 180 -6.73 8.71 11.96
CA CYS A 180 -7.38 8.40 13.23
C CYS A 180 -6.57 8.90 14.41
N LEU A 181 -7.22 9.03 15.57
CA LEU A 181 -6.56 9.46 16.80
C LEU A 181 -5.67 8.33 17.32
N GLN A 182 -6.26 7.15 17.45
CA GLN A 182 -5.59 5.96 17.99
C GLN A 182 -6.02 4.76 17.15
N VAL A 183 -5.06 4.15 16.47
CA VAL A 183 -5.28 2.89 15.75
C VAL A 183 -4.93 1.75 16.70
N PRO A 184 -5.87 0.82 16.92
CA PRO A 184 -5.60 -0.33 17.79
C PRO A 184 -4.56 -1.25 17.13
N VAL A 185 -3.53 -1.62 17.88
CA VAL A 185 -2.47 -2.49 17.36
C VAL A 185 -2.08 -3.59 18.37
N ASN A 186 -1.51 -4.68 17.87
CA ASN A 186 -0.81 -5.63 18.74
C ASN A 186 0.70 -5.68 18.42
N GLU A 187 1.42 -6.57 19.10
CA GLU A 187 2.86 -6.72 18.92
C GLU A 187 3.25 -7.19 17.53
N ASN A 188 2.29 -7.68 16.76
CA ASN A 188 2.52 -8.18 15.41
C ASN A 188 2.39 -7.13 14.30
N ASP A 189 1.72 -6.02 14.60
CA ASP A 189 1.46 -4.95 13.62
C ASP A 189 2.70 -4.10 13.34
N MET A 190 2.87 -3.68 12.10
CA MET A 190 4.09 -2.98 11.66
C MET A 190 3.83 -1.50 11.39
N LYS A 191 4.52 -0.62 12.09
CA LYS A 191 4.40 0.82 11.86
C LYS A 191 4.93 1.22 10.48
N VAL A 192 4.42 2.30 9.93
CA VAL A 192 5.02 2.90 8.74
C VAL A 192 5.90 4.09 9.17
N ASP A 193 6.92 4.40 8.36
CA ASP A 193 7.82 5.53 8.63
C ASP A 193 7.10 6.89 8.56
N GLU A 194 6.15 7.01 7.64
CA GLU A 194 5.48 8.28 7.38
C GLU A 194 4.08 8.10 6.79
N VAL A 195 3.13 8.88 7.29
CA VAL A 195 1.78 8.97 6.71
C VAL A 195 1.58 10.30 6.00
N LEU A 196 1.36 10.25 4.69
CA LEU A 196 1.01 11.43 3.90
C LEU A 196 -0.49 11.64 3.80
N TYR A 197 -0.92 12.89 3.89
CA TYR A 197 -2.31 13.29 3.71
C TYR A 197 -2.45 14.80 3.57
N GLU A 198 -3.58 15.22 3.00
CA GLU A 198 -4.17 16.58 3.07
C GLU A 198 -4.65 17.09 1.72
#